data_2J9N
#
_entry.id   2J9N
#
_cell.length_a   53.924
_cell.length_b   56.695
_cell.length_c   66.054
_cell.angle_alpha   90.00
_cell.angle_beta   90.00
_cell.angle_gamma   90.00
#
_symmetry.space_group_name_H-M   'P 21 21 21'
#
loop_
_entity.id
_entity.type
_entity.pdbx_description
1 polymer 'CATIONIC TRYPSIN'
2 polymer 'UNKNOWN PEPTIDE'
3 polymer 'UNKNOWN PEPTIDE'
4 non-polymer 'CALCIUM ION'
5 non-polymer 'SODIUM ION'
6 non-polymer BENZAMIDINE
7 non-polymer PHENOL
8 water water
#
loop_
_entity_poly.entity_id
_entity_poly.type
_entity_poly.pdbx_seq_one_letter_code
_entity_poly.pdbx_strand_id
1 'polypeptide(L)'
;IVGGYTCGANTVPYQVSLNSGYHFCGGSLINSQWVVSAAHCYKSGIQVRLGEDNINVVEGNEQFISASKSIVHPSYNSNT
LNNDIMLIKLKSAASLNSRVASISLPTSCASAGTQCLISGWGNTKSSGTSYPDVLKCLKAPILSDSSCKSAYPGQITSNM
FCAGYLEGGKDSCQGDSGGPVVCSGKLQGIVSWGSGCAQKNKPGVYTKVCNYVSWIKQTIASN
;
A
2 'polypeptide(L)' (UNK)(UNK)(UNK)(UNK)(UNK)(UNK)(UNK)(UNK)(UNK)(UNK)(UNK)(UNK)(UNK)(UNK)(UNK) B
3 'polypeptide(L)' Q(UNK)(UNK) C
#
loop_
_chem_comp.id
_chem_comp.type
_chem_comp.name
_chem_comp.formula
BEN non-polymer BENZAMIDINE 'C7 H8 N2'
CA non-polymer 'CALCIUM ION' 'Ca 2'
IPH non-polymer PHENOL 'C6 H6 O'
NA non-polymer 'SODIUM ION' 'Na 1'
#
# COMPACT_ATOMS: atom_id res chain seq x y z
N ILE A 1 -0.05 -0.83 -11.46
CA ILE A 1 -0.97 -2.00 -11.67
C ILE A 1 -0.78 -2.49 -13.11
N VAL A 2 -0.37 -3.75 -13.26
CA VAL A 2 -0.18 -4.40 -14.57
C VAL A 2 -1.41 -5.26 -14.81
N GLY A 3 -2.03 -5.12 -15.99
CA GLY A 3 -3.16 -5.98 -16.36
C GLY A 3 -4.46 -5.63 -15.67
N GLY A 4 -4.59 -4.39 -15.21
CA GLY A 4 -5.80 -3.96 -14.52
C GLY A 4 -6.68 -3.12 -15.42
N TYR A 5 -7.47 -2.27 -14.78
CA TYR A 5 -8.45 -1.44 -15.44
C TYR A 5 -8.49 -0.06 -14.83
N THR A 6 -8.98 0.90 -15.59
CA THR A 6 -9.20 2.24 -15.05
C THR A 6 -10.36 2.16 -14.07
N CYS A 7 -10.12 2.51 -12.80
CA CYS A 7 -11.14 2.38 -11.76
C CYS A 7 -12.39 3.18 -12.06
N GLY A 8 -12.19 4.42 -12.51
CA GLY A 8 -13.27 5.42 -12.56
C GLY A 8 -13.07 6.42 -11.44
N ALA A 9 -13.21 7.69 -11.77
CA ALA A 9 -12.94 8.75 -10.80
C ALA A 9 -13.63 8.58 -9.46
N ASN A 10 -12.83 8.60 -8.39
CA ASN A 10 -13.31 8.62 -7.02
C ASN A 10 -14.16 7.41 -6.62
N THR A 11 -14.03 6.31 -7.35
CA THR A 11 -14.72 5.06 -7.02
C THR A 11 -13.99 4.28 -5.94
N VAL A 12 -12.76 4.70 -5.62
CA VAL A 12 -11.95 4.09 -4.55
C VAL A 12 -11.61 5.23 -3.55
N PRO A 13 -12.60 5.66 -2.78
CA PRO A 13 -12.46 6.95 -2.08
C PRO A 13 -11.48 7.01 -0.89
N TYR A 14 -10.97 5.85 -0.49
CA TYR A 14 -9.98 5.70 0.57
C TYR A 14 -8.56 5.67 0.01
N GLN A 15 -8.39 5.59 -1.31
CA GLN A 15 -7.07 5.60 -1.93
C GLN A 15 -6.46 6.98 -1.84
N VAL A 16 -5.20 7.07 -1.36
CA VAL A 16 -4.46 8.32 -1.37
CA VAL A 16 -4.48 8.33 -1.41
C VAL A 16 -3.19 8.17 -2.21
N SER A 17 -2.71 9.31 -2.70
CA SER A 17 -1.40 9.43 -3.30
C SER A 17 -0.51 10.17 -2.31
N LEU A 18 0.69 9.63 -2.07
CA LEU A 18 1.72 10.31 -1.28
C LEU A 18 2.65 11.05 -2.25
N ASN A 19 2.80 12.36 -2.02
CA ASN A 19 3.52 13.23 -2.89
C ASN A 19 4.69 13.90 -2.15
N SER A 20 5.87 13.85 -2.78
CA SER A 20 7.06 14.56 -2.29
C SER A 20 7.65 15.43 -3.40
N GLY A 21 6.78 16.14 -4.10
CA GLY A 21 7.07 16.81 -5.35
C GLY A 21 6.62 16.05 -6.57
N TYR A 22 6.19 14.80 -6.34
CA TYR A 22 5.80 13.82 -7.36
C TYR A 22 5.13 12.67 -6.58
N HIS A 23 4.20 11.97 -7.23
CA HIS A 23 3.65 10.77 -6.67
C HIS A 23 4.74 9.75 -6.47
N PHE A 24 4.83 9.17 -5.27
CA PHE A 24 5.81 8.12 -5.02
C PHE A 24 5.27 6.83 -4.38
N CYS A 25 4.05 6.87 -3.83
CA CYS A 25 3.49 5.71 -3.18
C CYS A 25 2.01 5.94 -2.97
N GLY A 26 1.29 4.85 -2.75
CA GLY A 26 -0.10 4.92 -2.32
C GLY A 26 -0.21 4.88 -0.82
N GLY A 27 -1.46 4.98 -0.36
CA GLY A 27 -1.82 4.84 1.03
C GLY A 27 -3.32 4.67 1.11
N SER A 28 -3.80 4.44 2.32
CA SER A 28 -5.24 4.23 2.59
C SER A 28 -5.68 5.09 3.77
N LEU A 29 -6.77 5.82 3.58
CA LEU A 29 -7.34 6.68 4.62
C LEU A 29 -8.12 5.80 5.58
N ILE A 30 -7.78 5.79 6.87
CA ILE A 30 -8.50 4.93 7.83
C ILE A 30 -9.36 5.73 8.81
N ASN A 31 -9.10 7.02 8.93
CA ASN A 31 -10.05 7.96 9.54
C ASN A 31 -9.70 9.36 9.08
N SER A 32 -10.35 10.38 9.60
CA SER A 32 -10.14 11.73 9.08
C SER A 32 -8.71 12.26 9.24
N GLN A 33 -7.90 11.71 10.15
CA GLN A 33 -6.56 12.24 10.42
C GLN A 33 -5.42 11.28 10.13
N TRP A 34 -5.72 10.06 9.71
CA TRP A 34 -4.69 9.03 9.60
C TRP A 34 -4.75 8.22 8.30
N VAL A 35 -3.55 7.99 7.76
CA VAL A 35 -3.33 7.18 6.57
C VAL A 35 -2.42 6.02 6.92
N VAL A 36 -2.73 4.85 6.40
CA VAL A 36 -1.84 3.72 6.50
C VAL A 36 -1.12 3.48 5.15
N SER A 37 0.20 3.27 5.19
CA SER A 37 0.98 2.98 4.02
C SER A 37 2.05 1.94 4.36
N ALA A 38 3.00 1.73 3.47
CA ALA A 38 4.14 0.83 3.68
C ALA A 38 5.29 1.58 4.31
N ALA A 39 5.98 0.94 5.26
CA ALA A 39 7.21 1.50 5.84
C ALA A 39 8.28 1.78 4.80
N HIS A 40 8.34 0.98 3.74
CA HIS A 40 9.35 1.24 2.68
C HIS A 40 9.02 2.50 1.86
N CYS A 41 7.83 3.05 2.07
CA CYS A 41 7.45 4.35 1.48
C CYS A 41 7.89 5.55 2.33
N TYR A 42 8.49 5.32 3.50
CA TYR A 42 8.92 6.43 4.32
C TYR A 42 9.78 7.44 3.51
N LYS A 43 9.40 8.71 3.66
CA LYS A 43 10.19 9.88 3.23
C LYS A 43 9.98 10.96 4.28
N SER A 44 10.93 11.89 4.35
CA SER A 44 10.92 12.97 5.35
CA SER A 44 10.86 12.91 5.40
C SER A 44 9.79 13.96 5.12
N GLY A 45 9.57 14.31 3.86
CA GLY A 45 8.55 15.28 3.48
C GLY A 45 7.45 14.61 2.67
N ILE A 46 6.26 14.55 3.25
CA ILE A 46 5.12 13.88 2.62
C ILE A 46 3.90 14.80 2.64
N GLN A 47 3.30 15.01 1.46
CA GLN A 47 1.97 15.57 1.34
C GLN A 47 1.02 14.50 0.91
N VAL A 48 -0.07 14.34 1.66
CA VAL A 48 -1.12 13.37 1.36
C VAL A 48 -2.13 13.99 0.42
N ARG A 49 -2.42 13.28 -0.67
CA ARG A 49 -3.38 13.74 -1.65
C ARG A 49 -4.57 12.81 -1.70
N LEU A 50 -5.71 13.34 -1.26
CA LEU A 50 -6.96 12.61 -1.19
C LEU A 50 -7.86 13.05 -2.33
N GLY A 51 -8.85 12.24 -2.67
CA GLY A 51 -9.80 12.59 -3.72
C GLY A 51 -9.21 12.68 -5.13
N GLU A 52 -8.08 12.04 -5.36
CA GLU A 52 -7.42 12.07 -6.66
C GLU A 52 -7.98 11.04 -7.61
N ASP A 53 -8.12 11.45 -8.88
CA ASP A 53 -8.15 10.48 -9.98
C ASP A 53 -6.92 10.73 -10.85
N ASN A 54 -6.94 11.73 -11.73
CA ASN A 54 -5.71 12.10 -12.47
C ASN A 54 -4.75 12.83 -11.54
N ILE A 55 -3.58 12.26 -11.27
CA ILE A 55 -2.62 12.88 -10.33
C ILE A 55 -1.86 14.07 -10.95
N ASN A 56 -2.06 14.33 -12.24
CA ASN A 56 -1.41 15.45 -12.92
C ASN A 56 -2.34 16.56 -13.34
N VAL A 57 -3.62 16.46 -12.97
CA VAL A 57 -4.61 17.49 -13.26
C VAL A 57 -5.45 17.74 -12.03
N VAL A 58 -5.59 19.01 -11.65
CA VAL A 58 -6.51 19.38 -10.58
C VAL A 58 -7.90 19.35 -11.18
N GLU A 59 -8.71 18.38 -10.74
CA GLU A 59 -10.03 18.12 -11.30
C GLU A 59 -11.18 18.62 -10.45
N GLY A 60 -10.92 18.92 -9.19
CA GLY A 60 -11.94 19.55 -8.34
C GLY A 60 -12.34 18.86 -7.04
N ASN A 61 -11.92 17.62 -6.84
CA ASN A 61 -12.27 16.89 -5.62
C ASN A 61 -11.10 16.58 -4.70
N GLU A 62 -9.95 17.16 -5.00
CA GLU A 62 -8.76 16.86 -4.23
C GLU A 62 -8.76 17.57 -2.88
N GLN A 63 -8.10 16.92 -1.91
CA GLN A 63 -7.67 17.57 -0.68
C GLN A 63 -6.19 17.30 -0.57
N PHE A 64 -5.38 18.36 -0.41
CA PHE A 64 -3.93 18.22 -0.26
C PHE A 64 -3.58 18.59 1.17
N ILE A 65 -3.07 17.65 1.95
CA ILE A 65 -2.80 17.88 3.38
C ILE A 65 -1.43 17.34 3.72
N SER A 66 -0.55 18.20 4.22
CA SER A 66 0.77 17.77 4.62
C SER A 66 0.72 16.86 5.85
N ALA A 67 1.69 15.97 5.94
CA ALA A 67 1.81 15.11 7.11
C ALA A 67 2.42 15.89 8.27
N SER A 68 1.88 15.68 9.47
CA SER A 68 2.51 16.23 10.66
C SER A 68 3.48 15.25 11.30
N LYS A 69 3.21 13.95 11.15
CA LYS A 69 4.03 12.91 11.76
C LYS A 69 3.97 11.64 10.92
N SER A 70 5.08 10.91 10.85
CA SER A 70 5.09 9.55 10.31
C SER A 70 5.57 8.62 11.42
N ILE A 71 5.00 7.42 11.45
CA ILE A 71 5.38 6.38 12.44
C ILE A 71 5.58 5.05 11.71
N VAL A 72 6.83 4.74 11.43
CA VAL A 72 7.19 3.44 10.89
C VAL A 72 7.01 2.38 12.00
N HIS A 73 6.51 1.19 11.63
CA HIS A 73 6.35 0.12 12.60
C HIS A 73 7.64 -0.11 13.43
N PRO A 74 7.49 -0.32 14.75
CA PRO A 74 8.69 -0.46 15.60
C PRO A 74 9.63 -1.57 15.12
N SER A 75 9.05 -2.63 14.58
CA SER A 75 9.81 -3.81 14.14
C SER A 75 10.03 -3.90 12.63
N TYR A 76 9.82 -2.80 11.91
CA TYR A 76 10.08 -2.79 10.46
C TYR A 76 11.53 -3.20 10.16
N ASN A 77 11.68 -4.20 9.30
CA ASN A 77 12.99 -4.65 8.79
C ASN A 77 13.04 -4.38 7.30
N SER A 78 13.83 -3.39 6.91
CA SER A 78 13.90 -3.00 5.50
C SER A 78 14.60 -4.01 4.59
N ASN A 79 15.35 -4.93 5.19
CA ASN A 79 15.98 -6.00 4.41
C ASN A 79 14.98 -7.09 3.99
N THR A 80 14.18 -7.57 4.93
CA THR A 80 13.22 -8.64 4.67
C THR A 80 11.81 -8.13 4.32
N LEU A 81 11.57 -6.85 4.59
CA LEU A 81 10.27 -6.17 4.50
C LEU A 81 9.25 -6.72 5.49
N ASN A 82 9.72 -7.43 6.52
CA ASN A 82 8.83 -7.84 7.60
C ASN A 82 8.31 -6.60 8.32
N ASN A 83 7.01 -6.58 8.61
CA ASN A 83 6.36 -5.43 9.26
C ASN A 83 6.41 -4.14 8.41
N ASP A 84 6.11 -4.30 7.13
CA ASP A 84 6.19 -3.18 6.17
C ASP A 84 4.89 -2.38 6.25
N ILE A 85 4.81 -1.55 7.28
CA ILE A 85 3.63 -0.76 7.56
C ILE A 85 4.05 0.53 8.31
N MET A 86 3.40 1.64 7.96
CA MET A 86 3.65 2.95 8.52
CA MET A 86 3.62 2.91 8.61
C MET A 86 2.33 3.70 8.65
N LEU A 87 2.20 4.50 9.69
CA LEU A 87 1.07 5.39 9.87
C LEU A 87 1.51 6.82 9.61
N ILE A 88 0.63 7.59 8.98
CA ILE A 88 0.93 8.97 8.65
C ILE A 88 -0.21 9.77 9.20
N LYS A 89 0.11 10.76 10.03
CA LYS A 89 -0.91 11.67 10.57
C LYS A 89 -0.95 12.98 9.78
N LEU A 90 -2.16 13.41 9.44
CA LEU A 90 -2.40 14.61 8.67
C LEU A 90 -2.37 15.81 9.59
N LYS A 91 -1.82 16.92 9.10
CA LYS A 91 -1.80 18.20 9.85
C LYS A 91 -3.19 18.70 10.21
N SER A 92 -4.15 18.51 9.32
CA SER A 92 -5.52 18.86 9.55
C SER A 92 -6.40 17.72 9.05
N ALA A 93 -7.60 17.59 9.60
CA ALA A 93 -8.50 16.51 9.27
C ALA A 93 -9.02 16.63 7.84
N ALA A 94 -9.11 15.50 7.17
CA ALA A 94 -9.78 15.45 5.87
C ALA A 94 -11.29 15.70 6.05
N SER A 95 -11.90 16.27 5.03
CA SER A 95 -13.35 16.41 4.97
C SER A 95 -13.95 15.18 4.28
N LEU A 96 -14.60 14.31 5.03
CA LEU A 96 -15.10 13.05 4.48
C LEU A 96 -16.45 13.26 3.78
N ASN A 97 -16.57 12.66 2.60
CA ASN A 97 -17.74 12.80 1.70
C ASN A 97 -17.83 11.57 0.77
N SER A 98 -18.57 11.66 -0.33
CA SER A 98 -18.67 10.53 -1.28
C SER A 98 -17.33 10.18 -1.95
N ARG A 99 -16.50 11.18 -2.17
CA ARG A 99 -15.26 11.01 -2.92
C ARG A 99 -14.02 10.85 -2.04
N VAL A 100 -14.15 11.19 -0.75
CA VAL A 100 -13.08 11.01 0.21
C VAL A 100 -13.68 10.32 1.43
N ALA A 101 -13.26 9.09 1.67
CA ALA A 101 -13.87 8.27 2.71
C ALA A 101 -12.85 7.30 3.27
N SER A 102 -13.07 6.88 4.52
CA SER A 102 -12.17 5.95 5.17
C SER A 102 -12.54 4.50 4.84
N ILE A 103 -11.57 3.62 4.96
CA ILE A 103 -11.75 2.17 4.81
C ILE A 103 -11.61 1.49 6.18
N SER A 104 -12.53 0.58 6.45
CA SER A 104 -12.54 -0.16 7.71
C SER A 104 -11.32 -1.04 7.88
N LEU A 105 -10.80 -1.08 9.10
CA LEU A 105 -9.80 -2.06 9.49
C LEU A 105 -10.48 -3.41 9.70
N PRO A 106 -9.75 -4.50 9.49
CA PRO A 106 -10.30 -5.85 9.60
C PRO A 106 -10.43 -6.33 11.05
N THR A 107 -11.47 -7.08 11.34
CA THR A 107 -11.58 -7.82 12.59
C THR A 107 -11.00 -9.22 12.40
N SER A 108 -11.38 -9.88 11.31
CA SER A 108 -10.85 -11.17 10.90
C SER A 108 -9.78 -10.96 9.86
N CYS A 109 -8.83 -11.87 9.78
CA CYS A 109 -7.93 -11.90 8.62
C CYS A 109 -8.70 -12.35 7.39
N ALA A 110 -8.10 -12.15 6.22
CA ALA A 110 -8.79 -12.44 4.97
C ALA A 110 -8.72 -13.93 4.65
N SER A 111 -9.69 -14.39 3.87
CA SER A 111 -9.80 -15.79 3.50
C SER A 111 -9.16 -16.08 2.13
N ALA A 112 -8.41 -17.18 2.06
CA ALA A 112 -7.81 -17.66 0.80
C ALA A 112 -8.90 -17.76 -0.24
N GLY A 113 -8.58 -17.33 -1.46
CA GLY A 113 -9.56 -17.34 -2.55
C GLY A 113 -10.51 -16.16 -2.64
N THR A 114 -10.52 -15.27 -1.64
CA THR A 114 -11.32 -14.06 -1.70
C THR A 114 -10.72 -13.14 -2.75
N GLN A 115 -11.58 -12.61 -3.62
CA GLN A 115 -11.17 -11.64 -4.63
C GLN A 115 -11.16 -10.24 -3.99
N CYS A 116 -10.02 -9.59 -4.03
CA CYS A 116 -9.82 -8.29 -3.41
C CYS A 116 -9.57 -7.24 -4.46
N LEU A 117 -9.69 -5.99 -4.07
CA LEU A 117 -9.44 -4.86 -4.97
C LEU A 117 -8.11 -4.20 -4.58
N ILE A 118 -7.18 -4.19 -5.54
CA ILE A 118 -5.86 -3.57 -5.37
C ILE A 118 -5.81 -2.37 -6.31
N SER A 119 -5.28 -1.24 -5.86
CA SER A 119 -5.35 -0.05 -6.69
C SER A 119 -4.10 0.83 -6.54
N GLY A 120 -3.85 1.66 -7.55
CA GLY A 120 -2.69 2.55 -7.50
C GLY A 120 -2.33 3.19 -8.81
N TRP A 121 -1.36 4.10 -8.73
CA TRP A 121 -0.78 4.82 -9.86
C TRP A 121 0.61 4.26 -10.25
N GLY A 122 0.85 2.98 -9.98
CA GLY A 122 2.17 2.41 -10.29
C GLY A 122 2.31 1.97 -11.76
N ASN A 123 3.49 1.48 -12.09
CA ASN A 123 3.79 1.00 -13.43
C ASN A 123 2.75 0.02 -13.95
N THR A 124 2.39 0.16 -15.23
CA THR A 124 1.40 -0.70 -15.88
C THR A 124 2.04 -1.77 -16.79
N LYS A 125 3.38 -1.81 -16.85
CA LYS A 125 4.07 -2.82 -17.66
C LYS A 125 4.88 -3.83 -16.83
N SER A 126 4.87 -5.09 -17.27
CA SER A 126 5.68 -6.14 -16.64
C SER A 126 7.11 -6.13 -17.18
N SER A 127 7.27 -5.62 -18.39
CA SER A 127 8.58 -5.31 -18.94
C SER A 127 8.47 -3.94 -19.58
N GLY A 128 9.35 -3.05 -19.20
CA GLY A 128 9.32 -1.67 -19.67
C GLY A 128 8.65 -0.83 -18.62
N THR A 129 8.31 0.41 -18.98
CA THR A 129 7.79 1.38 -18.02
C THR A 129 6.74 2.29 -18.62
N SER A 130 5.57 2.34 -17.97
CA SER A 130 4.54 3.28 -18.32
C SER A 130 3.72 3.57 -17.08
N TYR A 131 3.74 4.82 -16.63
CA TYR A 131 3.07 5.22 -15.41
C TYR A 131 1.79 5.97 -15.78
N PRO A 132 0.64 5.52 -15.23
CA PRO A 132 -0.64 6.13 -15.57
C PRO A 132 -0.83 7.44 -14.85
N ASP A 133 -1.69 8.27 -15.39
CA ASP A 133 -2.09 9.48 -14.72
C ASP A 133 -3.34 9.26 -13.87
N VAL A 134 -4.23 8.37 -14.33
CA VAL A 134 -5.45 8.05 -13.59
C VAL A 134 -5.33 6.73 -12.80
N LEU A 135 -6.21 6.58 -11.82
CA LEU A 135 -6.09 5.49 -10.87
C LEU A 135 -6.45 4.18 -11.54
N LYS A 136 -5.60 3.18 -11.34
CA LYS A 136 -5.82 1.85 -11.89
C LYS A 136 -6.21 0.87 -10.78
N CYS A 137 -7.00 -0.12 -11.18
CA CYS A 137 -7.58 -1.11 -10.28
C CYS A 137 -7.29 -2.53 -10.76
N LEU A 138 -7.28 -3.48 -9.82
CA LEU A 138 -7.09 -4.90 -10.14
C LEU A 138 -7.88 -5.75 -9.15
N LYS A 139 -8.64 -6.69 -9.67
CA LYS A 139 -9.22 -7.75 -8.87
C LYS A 139 -8.29 -8.96 -8.81
N ALA A 140 -7.92 -9.34 -7.62
CA ALA A 140 -6.90 -10.35 -7.42
C ALA A 140 -7.25 -11.18 -6.20
N PRO A 141 -7.11 -12.50 -6.31
CA PRO A 141 -7.45 -13.35 -5.18
C PRO A 141 -6.31 -13.57 -4.19
N ILE A 142 -6.68 -13.78 -2.92
CA ILE A 142 -5.72 -14.15 -1.88
C ILE A 142 -5.27 -15.59 -2.19
N LEU A 143 -3.95 -15.82 -2.23
CA LEU A 143 -3.40 -17.17 -2.43
C LEU A 143 -3.16 -17.86 -1.08
N SER A 144 -3.13 -19.19 -1.08
CA SER A 144 -2.86 -19.91 0.15
C SER A 144 -1.46 -19.60 0.64
N ASP A 145 -1.26 -19.69 1.96
CA ASP A 145 0.06 -19.51 2.58
C ASP A 145 1.07 -20.49 1.98
N SER A 146 0.64 -21.72 1.76
CA SER A 146 1.50 -22.73 1.15
C SER A 146 2.00 -22.33 -0.24
N SER A 147 1.10 -21.86 -1.10
CA SER A 147 1.49 -21.40 -2.43
C SER A 147 2.44 -20.20 -2.37
N CYS A 148 2.16 -19.28 -1.46
CA CYS A 148 3.00 -18.08 -1.29
C CYS A 148 4.41 -18.48 -0.91
N LYS A 149 4.52 -19.37 0.08
CA LYS A 149 5.84 -19.81 0.57
C LYS A 149 6.58 -20.62 -0.50
N SER A 150 5.86 -21.38 -1.30
CA SER A 150 6.47 -22.09 -2.42
C SER A 150 7.01 -21.13 -3.48
N ALA A 151 6.32 -20.01 -3.70
CA ALA A 151 6.76 -19.04 -4.68
C ALA A 151 8.00 -18.27 -4.23
N TYR A 152 8.08 -17.99 -2.94
CA TYR A 152 9.17 -17.23 -2.38
C TYR A 152 9.79 -17.96 -1.20
N PRO A 153 10.52 -19.05 -1.47
CA PRO A 153 10.99 -19.87 -0.37
C PRO A 153 11.98 -19.13 0.54
N GLY A 154 11.75 -19.26 1.85
CA GLY A 154 12.59 -18.63 2.87
C GLY A 154 12.39 -17.14 3.03
N GLN A 155 11.30 -16.61 2.48
CA GLN A 155 11.09 -15.14 2.40
C GLN A 155 9.77 -14.64 2.98
N ILE A 156 8.80 -15.52 3.16
CA ILE A 156 7.47 -15.13 3.59
C ILE A 156 7.31 -15.32 5.09
N THR A 157 7.02 -14.24 5.81
CA THR A 157 6.78 -14.31 7.24
C THR A 157 5.29 -14.39 7.50
N SER A 158 4.95 -14.57 8.77
CA SER A 158 3.55 -14.59 9.21
C SER A 158 2.83 -13.27 9.00
N ASN A 159 3.59 -12.22 8.70
CA ASN A 159 3.02 -10.88 8.48
C ASN A 159 2.86 -10.51 7.01
N MET A 160 2.89 -11.53 6.16
CA MET A 160 2.81 -11.36 4.70
C MET A 160 1.84 -12.34 4.11
N PHE A 161 1.17 -11.93 3.05
CA PHE A 161 0.38 -12.84 2.22
C PHE A 161 0.57 -12.53 0.75
N CYS A 162 0.35 -13.55 -0.08
CA CYS A 162 0.39 -13.39 -1.53
C CYS A 162 -1.02 -13.22 -2.10
N ALA A 163 -1.15 -12.42 -3.16
CA ALA A 163 -2.41 -12.27 -3.89
C ALA A 163 -2.06 -12.07 -5.34
N GLY A 164 -2.92 -12.56 -6.22
CA GLY A 164 -2.71 -12.44 -7.65
C GLY A 164 -2.82 -13.77 -8.35
N TYR A 165 -1.98 -13.94 -9.37
CA TYR A 165 -2.14 -14.97 -10.39
C TYR A 165 -0.79 -15.63 -10.68
N LEU A 166 -0.69 -16.92 -10.39
CA LEU A 166 0.58 -17.63 -10.64
C LEU A 166 0.96 -17.68 -12.12
N GLU A 167 -0.03 -17.59 -13.02
CA GLU A 167 0.27 -17.58 -14.46
C GLU A 167 0.91 -16.27 -14.94
N GLY A 168 0.88 -15.23 -14.10
CA GLY A 168 1.46 -13.93 -14.46
C GLY A 168 0.45 -13.09 -15.22
N GLY A 169 0.85 -11.87 -15.55
CA GLY A 169 0.04 -11.00 -16.40
C GLY A 169 -0.79 -9.95 -15.66
N LYS A 170 -1.09 -10.21 -14.37
CA LYS A 170 -1.84 -9.29 -13.53
C LYS A 170 -1.20 -9.16 -12.14
N ASP A 171 -0.90 -7.94 -11.73
CA ASP A 171 -0.20 -7.72 -10.45
C ASP A 171 -0.19 -6.22 -10.13
N SER A 172 0.15 -5.88 -8.88
CA SER A 172 0.56 -4.50 -8.55
C SER A 172 2.06 -4.38 -8.90
N CYS A 173 2.61 -3.18 -8.76
CA CYS A 173 3.98 -2.94 -9.23
C CYS A 173 4.54 -1.67 -8.58
N GLN A 174 5.78 -1.34 -8.92
CA GLN A 174 6.41 -0.15 -8.33
C GLN A 174 5.54 1.08 -8.56
N GLY A 175 5.42 1.91 -7.51
CA GLY A 175 4.53 3.08 -7.51
C GLY A 175 3.17 2.77 -6.92
N ASP A 176 2.80 1.49 -6.84
CA ASP A 176 1.57 1.05 -6.15
C ASP A 176 1.85 0.85 -4.65
N SER A 177 3.14 0.68 -4.32
CA SER A 177 3.59 0.45 -2.94
C SER A 177 2.90 1.35 -1.93
N GLY A 178 2.53 0.76 -0.81
CA GLY A 178 1.81 1.47 0.24
C GLY A 178 0.30 1.52 0.10
N GLY A 179 -0.21 1.17 -1.09
CA GLY A 179 -1.62 1.26 -1.34
C GLY A 179 -2.40 0.05 -0.86
N PRO A 180 -3.72 0.12 -1.03
CA PRO A 180 -4.66 -0.82 -0.45
C PRO A 180 -4.84 -2.12 -1.18
N VAL A 181 -5.08 -3.17 -0.38
CA VAL A 181 -5.72 -4.42 -0.81
C VAL A 181 -6.99 -4.53 0.05
N VAL A 182 -8.16 -4.32 -0.56
CA VAL A 182 -9.43 -4.32 0.16
C VAL A 182 -10.22 -5.58 -0.20
N CYS A 183 -10.60 -6.34 0.83
CA CYS A 183 -11.33 -7.58 0.67
C CYS A 183 -12.58 -7.51 1.54
N SER A 184 -13.74 -7.74 0.94
CA SER A 184 -15.01 -7.67 1.66
C SER A 184 -15.12 -6.40 2.52
N GLY A 185 -14.75 -5.28 1.92
CA GLY A 185 -14.87 -3.99 2.55
C GLY A 185 -13.92 -3.70 3.69
N LYS A 186 -12.85 -4.48 3.83
CA LYS A 186 -11.86 -4.27 4.89
C LYS A 186 -10.50 -4.13 4.25
N LEU A 187 -9.66 -3.28 4.84
CA LEU A 187 -8.26 -3.17 4.44
C LEU A 187 -7.46 -4.36 4.99
N GLN A 188 -7.19 -5.35 4.16
CA GLN A 188 -6.48 -6.55 4.56
C GLN A 188 -5.03 -6.52 4.17
N GLY A 189 -4.67 -5.73 3.16
CA GLY A 189 -3.27 -5.71 2.73
C GLY A 189 -2.78 -4.33 2.35
N ILE A 190 -1.45 -4.23 2.31
CA ILE A 190 -0.69 -3.07 1.85
C ILE A 190 0.27 -3.57 0.80
N VAL A 191 0.29 -2.90 -0.36
CA VAL A 191 1.21 -3.27 -1.41
C VAL A 191 2.64 -3.16 -0.89
N SER A 192 3.36 -4.27 -0.89
CA SER A 192 4.66 -4.35 -0.23
C SER A 192 5.80 -4.72 -1.21
N TRP A 193 5.77 -5.93 -1.77
CA TRP A 193 6.88 -6.35 -2.62
C TRP A 193 6.50 -7.48 -3.59
N GLY A 194 7.47 -7.88 -4.38
CA GLY A 194 7.35 -8.99 -5.30
C GLY A 194 8.60 -9.04 -6.14
N SER A 195 8.79 -10.14 -6.83
CA SER A 195 9.91 -10.25 -7.75
C SER A 195 9.46 -9.80 -9.13
N GLY A 196 9.86 -8.59 -9.52
CA GLY A 196 9.35 -7.94 -10.70
C GLY A 196 7.86 -7.65 -10.51
N CYS A 197 7.12 -7.59 -11.61
CA CYS A 197 5.67 -7.40 -11.59
C CYS A 197 5.03 -8.28 -12.63
N ALA A 198 3.98 -9.00 -12.22
CA ALA A 198 3.18 -9.83 -13.12
C ALA A 198 3.97 -10.96 -13.76
N GLN A 199 5.06 -11.37 -13.12
CA GLN A 199 5.85 -12.50 -13.59
C GLN A 199 5.22 -13.84 -13.18
N LYS A 200 5.45 -14.85 -14.01
CA LYS A 200 4.99 -16.19 -13.72
C LYS A 200 5.58 -16.67 -12.40
N ASN A 201 4.70 -17.27 -11.59
CA ASN A 201 5.06 -17.88 -10.30
C ASN A 201 5.63 -16.91 -9.26
N LYS A 202 5.41 -15.61 -9.48
CA LYS A 202 5.93 -14.58 -8.59
C LYS A 202 4.80 -13.58 -8.33
N PRO A 203 3.83 -13.98 -7.50
CA PRO A 203 2.68 -13.12 -7.21
C PRO A 203 3.08 -11.98 -6.29
N GLY A 204 2.19 -11.02 -6.14
CA GLY A 204 2.43 -9.91 -5.24
C GLY A 204 2.45 -10.39 -3.81
N VAL A 205 3.27 -9.71 -3.00
CA VAL A 205 3.35 -9.95 -1.57
C VAL A 205 2.93 -8.69 -0.83
N TYR A 206 2.07 -8.87 0.16
CA TYR A 206 1.34 -7.81 0.82
C TYR A 206 1.48 -7.90 2.33
N THR A 207 1.55 -6.75 2.98
CA THR A 207 1.58 -6.70 4.45
C THR A 207 0.23 -7.12 4.97
N LYS A 208 0.22 -8.06 5.93
CA LYS A 208 -1.01 -8.63 6.49
C LYS A 208 -1.56 -7.76 7.59
N VAL A 209 -2.44 -6.84 7.18
CA VAL A 209 -2.92 -5.76 8.04
C VAL A 209 -3.63 -6.27 9.30
N CYS A 210 -4.29 -7.43 9.22
CA CYS A 210 -5.02 -7.94 10.39
C CYS A 210 -4.10 -8.20 11.60
N ASN A 211 -2.80 -8.37 11.38
CA ASN A 211 -1.83 -8.54 12.47
C ASN A 211 -1.46 -7.25 13.18
N TYR A 212 -1.86 -6.12 12.60
CA TYR A 212 -1.44 -4.79 13.10
C TYR A 212 -2.55 -3.93 13.66
N VAL A 213 -3.77 -4.44 13.73
CA VAL A 213 -4.88 -3.62 14.15
C VAL A 213 -4.74 -3.09 15.57
N SER A 214 -4.21 -3.90 16.48
CA SER A 214 -3.98 -3.43 17.85
C SER A 214 -2.94 -2.31 17.90
N TRP A 215 -1.83 -2.51 17.19
CA TRP A 215 -0.84 -1.43 17.07
C TRP A 215 -1.42 -0.17 16.46
N ILE A 216 -2.20 -0.29 15.39
CA ILE A 216 -2.78 0.88 14.74
C ILE A 216 -3.70 1.63 15.71
N LYS A 217 -4.57 0.89 16.39
CA LYS A 217 -5.54 1.50 17.29
C LYS A 217 -4.86 2.18 18.46
N GLN A 218 -3.83 1.54 19.01
CA GLN A 218 -3.10 2.08 20.17
C GLN A 218 -2.34 3.33 19.77
N THR A 219 -1.76 3.28 18.58
CA THR A 219 -0.97 4.40 18.09
C THR A 219 -1.84 5.61 17.80
N ILE A 220 -2.99 5.40 17.15
CA ILE A 220 -3.92 6.50 16.87
C ILE A 220 -4.47 7.12 18.15
N ALA A 221 -4.72 6.28 19.15
CA ALA A 221 -5.23 6.74 20.44
C ALA A 221 -4.22 7.50 21.29
N SER A 222 -2.96 7.56 20.88
CA SER A 222 -1.91 8.22 21.65
C SER A 222 -1.10 9.27 20.90
N ASN A 223 -1.51 9.62 19.67
CA ASN A 223 -0.76 10.54 18.82
C ASN A 223 -1.70 11.41 18.03
N UNK B 1 13.31 -8.55 -1.63
CA UNK B 1 12.88 -7.44 -2.53
C UNK B 1 12.55 -6.18 -1.75
N UNK B 2 12.53 -5.04 -2.44
CA UNK B 2 12.21 -3.74 -1.83
C UNK B 2 13.44 -3.02 -1.31
N UNK B 3 13.31 -2.37 -0.16
CA UNK B 3 14.47 -1.77 0.54
C UNK B 3 14.27 -0.37 1.04
N UNK B 4 15.36 0.26 1.48
CA UNK B 4 15.30 1.67 1.86
C UNK B 4 16.52 2.21 2.61
N UNK B 5 16.40 2.29 3.93
CA UNK B 5 17.38 3.00 4.75
C UNK B 5 18.77 2.37 4.81
N UNK B 6 19.75 3.21 5.11
CA UNK B 6 21.12 2.76 5.22
C UNK B 6 22.10 3.86 5.57
N UNK B 7 23.37 3.65 5.25
CA UNK B 7 24.43 4.59 5.59
C UNK B 7 24.89 4.37 7.02
N UNK B 8 25.62 3.29 7.24
CA UNK B 8 26.15 2.95 8.56
C UNK B 8 26.50 1.48 8.70
N UNK B 9 25.48 0.63 8.69
CA UNK B 9 25.68 -0.81 8.77
C UNK B 9 24.39 -1.56 8.59
N UNK B 10 23.60 -1.64 9.65
CA UNK B 10 22.35 -2.40 9.63
C UNK B 10 21.16 -1.77 8.92
N UNK B 11 20.10 -2.58 8.78
CA UNK B 11 18.79 -2.12 8.31
C UNK B 11 17.66 -3.00 8.82
N UNK B 12 17.83 -3.60 10.00
CA UNK B 12 16.86 -4.55 10.56
C UNK B 12 16.18 -4.09 11.86
N UNK B 13 16.98 -3.68 12.85
CA UNK B 13 16.43 -3.21 14.12
C UNK B 13 17.49 -2.66 15.05
N UNK B 14 18.45 -3.50 15.43
CA UNK B 14 19.52 -3.12 16.34
C UNK B 14 19.13 -3.40 17.77
N UNK B 15 19.71 -4.45 18.36
CA UNK B 15 19.41 -4.85 19.73
C UNK B 15 20.57 -4.62 20.68
N GLN C 1 10.77 2.59 -3.68
CA GLN C 1 10.36 3.91 -4.23
C GLN C 1 10.98 5.03 -3.43
N UNK C 2 10.63 5.11 -2.14
CA UNK C 2 10.90 6.32 -1.35
C UNK C 2 12.01 6.24 -0.31
N UNK C 3 12.70 7.37 -0.12
CA UNK C 3 13.51 7.62 1.07
C UNK C 3 14.99 7.87 0.81
CA CA D . -5.99 15.46 -9.59
NA NA E . -13.52 -8.48 9.30
C1 BEN F . 5.22 -5.49 -6.43
C2 BEN F . 4.57 -4.41 -5.85
C3 BEN F . 5.27 -3.34 -5.32
C4 BEN F . 6.65 -3.30 -5.41
C5 BEN F . 7.31 -4.36 -5.99
C6 BEN F . 6.59 -5.44 -6.51
C BEN F . 4.52 -6.58 -6.96
N1 BEN F . 3.26 -6.81 -6.55
N2 BEN F . 5.05 -7.41 -7.84
C1 IPH G . -0.47 5.99 -20.97
C1 IPH G . 1.17 7.90 -19.70
C2 IPH G . -1.04 6.81 -20.00
C2 IPH G . -0.17 8.04 -19.30
C3 IPH G . -0.29 7.82 -19.41
C3 IPH G . -1.15 7.26 -19.91
C4 IPH G . 1.03 8.03 -19.79
C4 IPH G . -0.79 6.36 -20.91
C5 IPH G . 1.61 7.19 -20.75
C5 IPH G . 0.53 6.22 -21.30
C6 IPH G . 0.86 6.18 -21.35
C6 IPH G . 1.52 7.00 -20.69
O1 IPH G . -1.21 4.98 -21.54
O1 IPH G . 2.16 8.65 -19.10
#